data_4BZ2
#
_entry.id   4BZ2
#
_cell.length_a   108.655
_cell.length_b   108.655
_cell.length_c   108.564
_cell.angle_alpha   90.00
_cell.angle_beta   90.00
_cell.angle_gamma   90.00
#
_symmetry.space_group_name_H-M   'P 43 21 2'
#
loop_
_entity.id
_entity.type
_entity.pdbx_description
1 polymer 'ENVELOPE PROTEIN'
2 polymer 'FAB 2D73 HEAVY CHAIN'
3 polymer 'FAB 2D73 LIGHT CHAIN'
4 non-polymer 'SODIUM ION'
5 non-polymer 'CHLORIDE ION'
6 non-polymer DI(HYDROXYETHYL)ETHER
7 non-polymer GLYCEROL
8 water water
#
loop_
_entity_poly.entity_id
_entity_poly.type
_entity_poly.pdbx_seq_one_letter_code
_entity_poly.pdbx_strand_id
1 'polypeptide(L)'
;VEFKRMCSGKFSIDKEMAETQHGTTVVKVKYEGAGAPCKVPIEIRDVNKEKVVGRIISSTPFAEYTNSVTNIELEPPFGD
SYIVIGVGDSALTLHWFRKHH
;
A
2 'polypeptide(L)'
;EVQLQQSGPELVKPGASVKISCKASGYTFTDYNMHWVKQSHGKSLEWVGYTYPYNGGIGYNQKFKSKATLTLDNSSRTAY
MELRSLTSEDSAVYYCVRRGYRYDGAHFDYWGQGTTLTVSSAKTTAPSVYPLAPVCGGTTGSSVTLGCLVKGYFPEPVTL
TWNSGSLSAGVHTFPAVLQSDLYTLSSSVTVTSSTWPSQTITCNVAHPASSTKVDKKIEPR
;
H
3 'polypeptide(L)'
;DIKMTQSPSSMYASLGERVTITCKASQGINSDLSWFQQKPGKSPKTLIYRANRLVDGVPSRFSGSGSGQDYSLTISSLEY
EDMGIYYCLQYDEFPLTFGAGTKLELKRADAAPTVSIFPPSSEQLTSGGASVVCFLNNFYPKDINVKWKIDGSERQNGVL
NSWTDQDSKDSTYSMSSTLTLTKDEYERHNSYTCEATHKTSTSPIVKSFNRN
;
L
#
loop_
_chem_comp.id
_chem_comp.type
_chem_comp.name
_chem_comp.formula
CL non-polymer 'CHLORIDE ION' 'Cl -1'
GOL non-polymer GLYCEROL 'C3 H8 O3'
NA non-polymer 'SODIUM ION' 'Na 1'
PEG non-polymer DI(HYDROXYETHYL)ETHER 'C4 H10 O3'
#
# COMPACT_ATOMS: atom_id res chain seq x y z
N VAL A 1 35.98 -25.96 -10.46
CA VAL A 1 37.31 -25.38 -10.31
C VAL A 1 38.36 -26.29 -10.94
N GLU A 2 38.26 -27.59 -10.70
CA GLU A 2 39.22 -28.54 -11.25
C GLU A 2 38.95 -28.77 -12.74
N PHE A 3 37.71 -29.15 -13.06
CA PHE A 3 37.31 -29.36 -14.44
C PHE A 3 36.28 -28.32 -14.86
N LYS A 4 36.59 -27.57 -15.92
CA LYS A 4 35.70 -26.53 -16.43
C LYS A 4 34.79 -27.06 -17.53
N ARG A 5 33.51 -27.27 -17.21
CA ARG A 5 32.54 -27.75 -18.18
C ARG A 5 31.36 -26.80 -18.27
N MET A 6 30.57 -26.94 -19.33
CA MET A 6 29.36 -26.14 -19.50
C MET A 6 28.26 -26.62 -18.56
N CYS A 7 27.58 -25.69 -17.91
CA CYS A 7 26.45 -26.04 -17.05
C CYS A 7 25.40 -26.77 -17.87
N SER A 8 24.77 -27.77 -17.27
CA SER A 8 23.78 -28.57 -17.97
C SER A 8 22.35 -28.24 -17.55
N GLY A 9 22.20 -27.50 -16.45
CA GLY A 9 20.90 -27.25 -15.87
C GLY A 9 20.23 -25.97 -16.35
N LYS A 10 19.17 -25.59 -15.65
CA LYS A 10 18.34 -24.45 -16.04
C LYS A 10 18.82 -23.15 -15.42
N PHE A 11 18.68 -22.07 -16.17
CA PHE A 11 18.89 -20.72 -15.64
C PHE A 11 17.56 -19.97 -15.65
N SER A 12 17.44 -18.97 -14.78
CA SER A 12 16.28 -18.09 -14.81
C SER A 12 16.74 -16.63 -14.74
N ILE A 13 15.96 -15.74 -15.34
CA ILE A 13 16.25 -14.31 -15.25
C ILE A 13 16.10 -13.87 -13.81
N ASP A 14 17.07 -13.12 -13.30
CA ASP A 14 17.07 -12.73 -11.89
C ASP A 14 17.13 -11.22 -11.72
N LYS A 15 16.93 -10.49 -12.82
CA LYS A 15 16.89 -9.04 -12.81
C LYS A 15 16.40 -8.59 -14.17
N GLU A 16 15.79 -7.42 -14.25
CA GLU A 16 15.35 -6.90 -15.53
C GLU A 16 16.55 -6.70 -16.44
N MET A 17 16.51 -7.28 -17.63
CA MET A 17 17.51 -6.98 -18.64
CA MET A 17 17.51 -6.98 -18.64
C MET A 17 17.51 -5.49 -18.95
N ALA A 18 18.70 -4.90 -19.02
CA ALA A 18 18.77 -3.46 -19.21
C ALA A 18 20.03 -2.98 -19.91
N GLU A 19 19.95 -1.80 -20.50
CA GLU A 19 21.06 -1.16 -21.20
C GLU A 19 22.00 -0.50 -20.22
N THR A 20 23.29 -0.54 -20.52
CA THR A 20 24.27 0.22 -19.77
C THR A 20 24.36 1.61 -20.38
N GLN A 21 25.34 2.38 -19.93
CA GLN A 21 25.55 3.72 -20.48
C GLN A 21 26.62 3.72 -21.58
N HIS A 22 27.07 2.54 -21.99
CA HIS A 22 28.10 2.45 -23.03
C HIS A 22 27.78 1.42 -24.11
N GLY A 23 26.53 1.41 -24.56
CA GLY A 23 26.15 0.63 -25.72
C GLY A 23 26.17 -0.88 -25.52
N THR A 24 25.88 -1.33 -24.30
CA THR A 24 25.81 -2.75 -24.01
C THR A 24 24.57 -3.09 -23.20
N THR A 25 24.32 -4.38 -23.04
CA THR A 25 23.17 -4.87 -22.29
C THR A 25 23.65 -5.80 -21.20
N VAL A 26 23.05 -5.70 -20.02
CA VAL A 26 23.41 -6.57 -18.91
C VAL A 26 22.25 -7.49 -18.54
N VAL A 27 22.58 -8.76 -18.33
CA VAL A 27 21.62 -9.79 -17.98
C VAL A 27 22.13 -10.51 -16.74
N LYS A 28 21.29 -10.62 -15.72
CA LYS A 28 21.64 -11.34 -14.50
C LYS A 28 20.84 -12.63 -14.44
N VAL A 29 21.51 -13.75 -14.19
CA VAL A 29 20.86 -15.05 -14.17
C VAL A 29 21.17 -15.85 -12.91
N LYS A 30 20.16 -16.56 -12.44
CA LYS A 30 20.29 -17.48 -11.32
C LYS A 30 20.41 -18.88 -11.88
N TYR A 31 21.40 -19.64 -11.41
CA TYR A 31 21.56 -21.03 -11.84
C TYR A 31 20.83 -21.97 -10.89
N GLU A 32 19.88 -22.71 -11.42
CA GLU A 32 19.03 -23.57 -10.59
C GLU A 32 19.42 -25.04 -10.71
N GLY A 33 20.38 -25.34 -11.56
CA GLY A 33 20.74 -26.71 -11.83
C GLY A 33 21.92 -27.16 -11.02
N ALA A 34 22.54 -28.25 -11.42
CA ALA A 34 23.62 -28.81 -10.66
C ALA A 34 24.88 -28.86 -11.44
N GLY A 35 25.92 -29.36 -10.81
CA GLY A 35 27.20 -29.52 -11.46
C GLY A 35 28.04 -28.28 -11.39
N ALA A 36 27.63 -27.34 -10.57
CA ALA A 36 28.40 -26.11 -10.39
C ALA A 36 29.54 -26.36 -9.42
N PRO A 37 30.66 -25.63 -9.56
CA PRO A 37 30.84 -24.55 -10.54
C PRO A 37 30.96 -25.02 -11.97
N CYS A 38 30.30 -24.31 -12.88
CA CYS A 38 30.32 -24.64 -14.30
C CYS A 38 30.16 -23.36 -15.12
N LYS A 39 30.47 -23.45 -16.41
CA LYS A 39 30.43 -22.28 -17.29
C LYS A 39 29.01 -22.06 -17.84
N VAL A 40 28.57 -20.81 -17.79
CA VAL A 40 27.25 -20.46 -18.30
C VAL A 40 27.26 -20.52 -19.82
N PRO A 41 26.45 -21.41 -20.41
CA PRO A 41 26.32 -21.39 -21.87
C PRO A 41 25.53 -20.15 -22.27
N ILE A 42 26.09 -19.32 -23.15
CA ILE A 42 25.38 -18.15 -23.60
C ILE A 42 25.91 -17.65 -24.93
N GLU A 43 24.99 -17.30 -25.82
CA GLU A 43 25.36 -16.70 -27.09
C GLU A 43 24.25 -15.81 -27.60
N ILE A 44 24.54 -15.03 -28.63
CA ILE A 44 23.54 -14.16 -29.22
C ILE A 44 23.32 -14.56 -30.67
N ARG A 45 22.08 -14.82 -31.04
CA ARG A 45 21.75 -15.25 -32.39
C ARG A 45 20.90 -14.21 -33.10
N ASP A 46 20.78 -14.31 -34.41
CA ASP A 46 20.04 -13.30 -35.19
C ASP A 46 18.54 -13.48 -35.01
N VAL A 47 17.76 -12.67 -35.75
CA VAL A 47 16.32 -12.66 -35.59
C VAL A 47 15.68 -14.02 -35.92
N ASN A 48 16.41 -14.86 -36.66
CA ASN A 48 15.94 -16.21 -36.98
C ASN A 48 16.50 -17.25 -36.02
N LYS A 49 17.19 -16.79 -34.99
CA LYS A 49 17.85 -17.70 -34.05
C LYS A 49 18.78 -18.65 -34.79
N GLU A 50 19.40 -18.16 -35.85
CA GLU A 50 20.27 -18.99 -36.68
C GLU A 50 21.74 -18.65 -36.46
N LYS A 51 22.17 -17.53 -37.03
CA LYS A 51 23.59 -17.15 -37.01
C LYS A 51 23.96 -16.45 -35.71
N VAL A 52 25.17 -16.72 -35.24
CA VAL A 52 25.69 -16.07 -34.04
C VAL A 52 26.15 -14.65 -34.36
N VAL A 53 25.63 -13.69 -33.59
CA VAL A 53 25.93 -12.29 -33.83
C VAL A 53 26.35 -11.61 -32.52
N GLY A 54 26.75 -10.34 -32.61
CA GLY A 54 27.19 -9.60 -31.45
C GLY A 54 28.36 -10.28 -30.76
N ARG A 55 28.49 -10.06 -29.46
CA ARG A 55 29.54 -10.71 -28.69
C ARG A 55 29.31 -10.57 -27.19
N ILE A 56 29.99 -11.42 -26.42
CA ILE A 56 29.91 -11.38 -24.97
C ILE A 56 31.09 -10.57 -24.44
N ILE A 57 30.80 -9.60 -23.57
CA ILE A 57 31.82 -8.71 -23.04
C ILE A 57 32.50 -9.29 -21.81
N SER A 58 31.69 -9.84 -20.90
CA SER A 58 32.22 -10.46 -19.70
C SER A 58 33.13 -11.62 -20.04
N SER A 59 34.21 -11.77 -19.29
CA SER A 59 35.08 -12.94 -19.41
C SER A 59 34.28 -14.18 -19.02
N THR A 60 34.60 -15.31 -19.65
CA THR A 60 33.91 -16.58 -19.44
C THR A 60 33.08 -16.61 -18.15
N PRO A 61 31.77 -16.30 -18.26
CA PRO A 61 30.85 -16.31 -17.11
C PRO A 61 30.72 -17.70 -16.46
N PHE A 62 30.69 -17.72 -15.14
CA PHE A 62 30.56 -18.97 -14.39
C PHE A 62 29.36 -18.94 -13.45
N ALA A 63 28.77 -20.11 -13.24
CA ALA A 63 27.85 -20.30 -12.12
C ALA A 63 28.63 -21.01 -11.02
N GLU A 64 28.93 -20.29 -9.94
CA GLU A 64 29.83 -20.80 -8.91
C GLU A 64 29.24 -21.95 -8.10
N TYR A 65 27.93 -21.91 -7.88
CA TYR A 65 27.27 -22.94 -7.07
C TYR A 65 25.77 -22.96 -7.36
N THR A 66 25.08 -23.94 -6.80
CA THR A 66 23.65 -24.08 -6.99
C THR A 66 22.91 -22.86 -6.43
N ASN A 67 22.08 -22.26 -7.27
CA ASN A 67 21.33 -21.04 -6.92
C ASN A 67 22.20 -19.79 -6.91
N SER A 68 23.40 -19.89 -7.47
CA SER A 68 24.29 -18.74 -7.57
C SER A 68 23.73 -17.73 -8.57
N VAL A 69 24.21 -16.50 -8.47
CA VAL A 69 23.78 -15.44 -9.37
C VAL A 69 24.98 -14.88 -10.13
N THR A 70 24.79 -14.64 -11.42
CA THR A 70 25.87 -14.25 -12.31
C THR A 70 25.47 -13.07 -13.19
N ASN A 71 26.28 -12.03 -13.16
CA ASN A 71 26.09 -10.86 -14.02
C ASN A 71 26.86 -11.04 -15.32
N ILE A 72 26.18 -10.81 -16.45
CA ILE A 72 26.78 -10.98 -17.75
C ILE A 72 26.58 -9.77 -18.64
N GLU A 73 27.68 -9.20 -19.13
CA GLU A 73 27.59 -8.05 -20.01
C GLU A 73 27.85 -8.52 -21.44
N LEU A 74 26.98 -8.13 -22.36
CA LEU A 74 27.12 -8.54 -23.75
C LEU A 74 26.76 -7.41 -24.68
N GLU A 75 27.07 -7.58 -25.96
CA GLU A 75 26.91 -6.52 -26.93
C GLU A 75 26.11 -7.02 -28.11
N PRO A 76 24.78 -7.00 -27.99
CA PRO A 76 23.92 -7.39 -29.10
C PRO A 76 24.12 -6.44 -30.26
N PRO A 77 23.89 -6.91 -31.49
CA PRO A 77 24.00 -6.01 -32.64
C PRO A 77 22.78 -5.10 -32.70
N PHE A 78 22.81 -4.10 -33.57
CA PHE A 78 21.64 -3.29 -33.79
C PHE A 78 20.55 -4.16 -34.40
N GLY A 79 19.29 -3.83 -34.12
CA GLY A 79 18.18 -4.59 -34.64
C GLY A 79 17.73 -5.66 -33.67
N ASP A 80 17.07 -6.69 -34.19
CA ASP A 80 16.55 -7.76 -33.36
C ASP A 80 17.53 -8.91 -33.23
N SER A 81 17.67 -9.41 -32.01
CA SER A 81 18.51 -10.58 -31.76
C SER A 81 17.93 -11.34 -30.58
N TYR A 82 18.46 -12.53 -30.31
CA TYR A 82 17.99 -13.35 -29.20
C TYR A 82 19.16 -13.80 -28.34
N ILE A 83 19.14 -13.40 -27.07
CA ILE A 83 20.12 -13.87 -26.10
C ILE A 83 19.69 -15.23 -25.59
N VAL A 84 20.45 -16.26 -25.98
CA VAL A 84 20.18 -17.62 -25.57
C VAL A 84 21.10 -18.06 -24.44
N ILE A 85 20.50 -18.37 -23.28
CA ILE A 85 21.25 -18.75 -22.10
C ILE A 85 20.88 -20.18 -21.69
N GLY A 86 21.89 -21.01 -21.47
CA GLY A 86 21.67 -22.41 -21.15
C GLY A 86 21.58 -23.25 -22.41
N VAL A 87 21.33 -24.55 -22.22
CA VAL A 87 21.22 -25.48 -23.34
C VAL A 87 19.95 -26.30 -23.23
N GLY A 88 19.54 -26.89 -24.35
CA GLY A 88 18.40 -27.79 -24.36
C GLY A 88 17.07 -27.05 -24.30
N ASP A 89 16.04 -27.77 -23.84
CA ASP A 89 14.68 -27.22 -23.81
C ASP A 89 14.52 -26.13 -22.76
N SER A 90 15.25 -26.25 -21.66
CA SER A 90 15.15 -25.30 -20.55
C SER A 90 15.88 -23.98 -20.85
N ALA A 91 16.51 -23.88 -22.01
CA ALA A 91 17.28 -22.70 -22.37
C ALA A 91 16.43 -21.43 -22.36
N LEU A 92 16.99 -20.35 -21.82
CA LEU A 92 16.33 -19.05 -21.87
C LEU A 92 16.55 -18.41 -23.22
N THR A 93 15.47 -17.96 -23.84
CA THR A 93 15.57 -17.25 -25.11
C THR A 93 14.91 -15.87 -24.97
N LEU A 94 15.74 -14.83 -24.95
CA LEU A 94 15.30 -13.49 -24.61
C LEU A 94 15.44 -12.57 -25.81
N HIS A 95 14.31 -12.02 -26.26
CA HIS A 95 14.33 -11.11 -27.40
C HIS A 95 14.82 -9.73 -27.00
N TRP A 96 15.90 -9.29 -27.64
CA TRP A 96 16.41 -7.93 -27.47
C TRP A 96 16.29 -7.13 -28.76
N PHE A 97 15.92 -5.87 -28.64
CA PHE A 97 15.83 -4.96 -29.78
C PHE A 97 16.66 -3.72 -29.49
N ARG A 98 17.76 -3.57 -30.22
CA ARG A 98 18.67 -2.44 -30.00
C ARG A 98 18.45 -1.34 -31.03
N LYS A 99 18.19 -0.13 -30.54
CA LYS A 99 17.99 1.02 -31.41
C LYS A 99 19.22 1.92 -31.39
N HIS A 100 19.33 2.77 -32.40
CA HIS A 100 20.35 3.82 -32.40
C HIS A 100 19.88 4.97 -31.53
N HIS A 101 20.76 5.44 -30.65
CA HIS A 101 20.43 6.53 -29.74
C HIS A 101 20.16 7.82 -30.50
N GLU B 1 2.70 14.45 -20.94
CA GLU B 1 2.96 13.89 -19.58
C GLU B 1 2.70 12.40 -19.56
N VAL B 2 3.45 11.68 -18.72
CA VAL B 2 3.24 10.25 -18.55
C VAL B 2 1.97 10.00 -17.75
N GLN B 3 1.21 8.99 -18.17
CA GLN B 3 -0.02 8.63 -17.46
C GLN B 3 -0.24 7.12 -17.51
N LEU B 4 -0.59 6.56 -16.35
CA LEU B 4 -0.99 5.17 -16.23
C LEU B 4 -2.39 5.11 -15.65
N GLN B 5 -3.36 4.73 -16.48
CA GLN B 5 -4.77 4.67 -16.08
C GLN B 5 -5.22 3.24 -15.91
N GLN B 6 -5.64 2.89 -14.69
CA GLN B 6 -6.10 1.53 -14.40
C GLN B 6 -7.62 1.44 -14.44
N SER B 7 -8.14 0.23 -14.56
CA SER B 7 -9.58 0.00 -14.58
C SER B 7 -10.15 0.12 -13.18
N GLY B 8 -11.48 0.19 -13.09
CA GLY B 8 -12.16 0.46 -11.85
C GLY B 8 -12.19 -0.69 -10.86
N PRO B 9 -12.76 -0.44 -9.67
CA PRO B 9 -12.83 -1.41 -8.56
C PRO B 9 -13.54 -2.70 -8.93
N GLU B 10 -13.17 -3.80 -8.29
CA GLU B 10 -13.75 -5.11 -8.57
C GLU B 10 -14.26 -5.75 -7.28
N LEU B 11 -15.44 -6.34 -7.36
CA LEU B 11 -16.02 -7.08 -6.24
C LEU B 11 -16.52 -8.43 -6.74
N VAL B 12 -15.93 -9.51 -6.22
CA VAL B 12 -16.26 -10.85 -6.70
C VAL B 12 -16.27 -11.87 -5.57
N LYS B 13 -16.82 -13.05 -5.85
CA LYS B 13 -16.86 -14.14 -4.88
C LYS B 13 -15.59 -14.98 -4.94
N PRO B 14 -15.32 -15.74 -3.87
CA PRO B 14 -14.17 -16.64 -3.83
C PRO B 14 -14.26 -17.71 -4.92
N GLY B 15 -13.13 -18.02 -5.55
CA GLY B 15 -13.11 -19.00 -6.62
C GLY B 15 -13.21 -18.35 -7.99
N ALA B 16 -13.57 -17.07 -8.01
CA ALA B 16 -13.70 -16.33 -9.26
C ALA B 16 -12.35 -15.81 -9.73
N SER B 17 -12.35 -15.21 -10.92
CA SER B 17 -11.15 -14.59 -11.47
C SER B 17 -11.47 -13.16 -11.90
N VAL B 18 -10.43 -12.33 -11.98
CA VAL B 18 -10.59 -10.95 -12.47
C VAL B 18 -9.42 -10.56 -13.34
N LYS B 19 -9.61 -9.53 -14.15
CA LYS B 19 -8.57 -9.04 -15.05
C LYS B 19 -8.50 -7.52 -15.04
N ILE B 20 -7.46 -6.99 -14.39
CA ILE B 20 -7.29 -5.56 -14.24
C ILE B 20 -6.41 -5.01 -15.36
N SER B 21 -6.75 -3.84 -15.88
CA SER B 21 -6.01 -3.25 -17.00
C SER B 21 -5.22 -2.03 -16.58
N CYS B 22 -4.23 -1.66 -17.38
CA CYS B 22 -3.42 -0.48 -17.13
C CYS B 22 -2.96 0.13 -18.45
N LYS B 23 -3.71 1.11 -18.95
CA LYS B 23 -3.40 1.73 -20.23
C LYS B 23 -2.38 2.86 -20.03
N ALA B 24 -1.30 2.83 -20.80
CA ALA B 24 -0.25 3.83 -20.66
C ALA B 24 -0.33 4.86 -21.78
N SER B 25 0.13 6.07 -21.49
CA SER B 25 0.26 7.11 -22.50
C SER B 25 1.37 8.08 -22.14
N GLY B 26 1.87 8.79 -23.15
CA GLY B 26 2.86 9.83 -22.93
C GLY B 26 4.30 9.36 -22.96
N TYR B 27 4.53 8.13 -23.40
CA TYR B 27 5.89 7.63 -23.56
C TYR B 27 5.96 6.45 -24.53
N THR B 28 7.18 6.11 -24.95
CA THR B 28 7.39 4.96 -25.82
C THR B 28 7.17 3.68 -25.03
N PHE B 29 6.00 3.08 -25.23
CA PHE B 29 5.56 1.94 -24.44
C PHE B 29 6.57 0.79 -24.45
N THR B 30 7.11 0.48 -25.62
CA THR B 30 8.00 -0.67 -25.77
C THR B 30 9.37 -0.45 -25.13
N ASP B 31 9.64 0.77 -24.66
CA ASP B 31 10.91 1.06 -24.00
C ASP B 31 10.80 0.85 -22.48
N TYR B 32 9.63 0.41 -22.02
CA TYR B 32 9.40 0.24 -20.59
C TYR B 32 8.75 -1.11 -20.26
N ASN B 33 9.18 -1.68 -19.14
CA ASN B 33 8.50 -2.81 -18.54
C ASN B 33 7.36 -2.33 -17.66
N MET B 34 6.37 -3.19 -17.46
CA MET B 34 5.27 -2.87 -16.56
C MET B 34 5.24 -3.86 -15.40
N HIS B 35 5.37 -3.33 -14.20
CA HIS B 35 5.32 -4.12 -12.97
C HIS B 35 3.96 -3.96 -12.30
N TRP B 36 3.57 -4.99 -11.56
CA TRP B 36 2.35 -4.97 -10.79
C TRP B 36 2.70 -5.15 -9.32
N VAL B 37 1.99 -4.45 -8.45
CA VAL B 37 2.31 -4.42 -7.04
C VAL B 37 1.04 -4.58 -6.21
N LYS B 38 1.12 -5.40 -5.18
CA LYS B 38 -0.02 -5.64 -4.29
C LYS B 38 0.19 -4.92 -2.97
N GLN B 39 -0.88 -4.33 -2.45
CA GLN B 39 -0.84 -3.67 -1.15
C GLN B 39 -2.12 -3.92 -0.38
N SER B 40 -2.06 -4.89 0.54
CA SER B 40 -3.19 -5.18 1.39
C SER B 40 -3.43 -4.00 2.32
N HIS B 41 -4.69 -3.80 2.73
CA HIS B 41 -5.06 -2.66 3.55
C HIS B 41 -4.22 -2.60 4.82
N GLY B 42 -3.45 -1.52 4.96
CA GLY B 42 -2.64 -1.31 6.16
C GLY B 42 -1.31 -2.03 6.14
N LYS B 43 -0.99 -2.64 4.99
CA LYS B 43 0.27 -3.37 4.86
C LYS B 43 1.24 -2.70 3.89
N SER B 44 2.41 -3.30 3.73
CA SER B 44 3.44 -2.79 2.85
C SER B 44 3.15 -3.20 1.42
N LEU B 45 3.88 -2.61 0.48
CA LEU B 45 3.80 -2.97 -0.93
C LEU B 45 4.46 -4.32 -1.19
N GLU B 46 3.92 -5.07 -2.14
CA GLU B 46 4.42 -6.41 -2.46
C GLU B 46 4.50 -6.59 -3.96
N TRP B 47 5.63 -7.12 -4.44
CA TRP B 47 5.84 -7.30 -5.86
C TRP B 47 5.10 -8.52 -6.38
N VAL B 48 4.27 -8.32 -7.40
CA VAL B 48 3.53 -9.42 -8.02
C VAL B 48 4.34 -10.03 -9.16
N GLY B 49 4.81 -9.17 -10.06
CA GLY B 49 5.59 -9.60 -11.20
C GLY B 49 5.76 -8.46 -12.19
N TYR B 50 6.33 -8.76 -13.36
CA TYR B 50 6.52 -7.75 -14.39
C TYR B 50 6.44 -8.37 -15.78
N THR B 51 6.20 -7.51 -16.76
CA THR B 51 6.16 -7.93 -18.16
C THR B 51 7.07 -7.04 -18.98
N TYR B 52 7.82 -7.68 -19.87
CA TYR B 52 8.76 -7.02 -20.76
C TYR B 52 8.19 -7.11 -22.17
N PRO B 53 8.21 -6.00 -22.91
CA PRO B 53 7.47 -5.89 -24.17
C PRO B 53 7.83 -6.88 -25.29
N TYR B 54 8.94 -7.60 -25.17
CA TYR B 54 9.36 -8.48 -26.27
C TYR B 54 9.44 -9.95 -25.88
N ASN B 55 8.83 -10.79 -26.71
CA ASN B 55 8.81 -12.24 -26.51
C ASN B 55 8.39 -12.65 -25.11
N GLY B 56 7.24 -12.14 -24.68
CA GLY B 56 6.66 -12.53 -23.40
C GLY B 56 7.68 -12.64 -22.28
N GLY B 57 8.58 -11.67 -22.20
CA GLY B 57 9.52 -11.61 -21.09
C GLY B 57 8.72 -11.50 -19.80
N ILE B 58 8.56 -12.63 -19.13
CA ILE B 58 7.67 -12.70 -17.97
C ILE B 58 8.42 -13.04 -16.70
N GLY B 59 8.21 -12.22 -15.67
CA GLY B 59 8.78 -12.47 -14.36
C GLY B 59 7.69 -12.55 -13.32
N TYR B 60 7.67 -13.65 -12.58
CA TYR B 60 6.71 -13.79 -11.49
C TYR B 60 7.44 -13.89 -10.17
N ASN B 61 6.96 -13.14 -9.18
CA ASN B 61 7.32 -13.43 -7.81
C ASN B 61 6.79 -14.83 -7.53
N GLN B 62 7.67 -15.72 -7.09
CA GLN B 62 7.29 -17.13 -6.91
C GLN B 62 6.03 -17.26 -6.08
N LYS B 63 5.78 -16.29 -5.21
CA LYS B 63 4.61 -16.30 -4.35
C LYS B 63 3.31 -16.26 -5.16
N PHE B 64 3.36 -15.63 -6.33
CA PHE B 64 2.15 -15.40 -7.13
C PHE B 64 2.08 -16.26 -8.39
N LYS B 65 2.99 -17.22 -8.54
CA LYS B 65 3.07 -17.99 -9.77
C LYS B 65 1.81 -18.81 -10.04
N SER B 66 1.15 -19.25 -8.98
CA SER B 66 -0.09 -20.02 -9.12
C SER B 66 -1.31 -19.13 -8.90
N LYS B 67 -1.11 -17.82 -8.96
CA LYS B 67 -2.18 -16.87 -8.67
C LYS B 67 -2.38 -15.86 -9.80
N ALA B 68 -1.29 -15.34 -10.35
CA ALA B 68 -1.36 -14.26 -11.32
C ALA B 68 -0.86 -14.64 -12.70
N THR B 69 -1.43 -13.99 -13.71
CA THR B 69 -1.01 -14.17 -15.11
C THR B 69 -0.90 -12.79 -15.75
N LEU B 70 0.32 -12.34 -16.00
CA LEU B 70 0.55 -11.00 -16.52
C LEU B 70 0.73 -11.02 -18.03
N THR B 71 0.14 -10.05 -18.70
CA THR B 71 0.24 -9.96 -20.16
C THR B 71 0.39 -8.52 -20.63
N LEU B 72 0.78 -8.37 -21.90
CA LEU B 72 0.92 -7.05 -22.51
C LEU B 72 0.23 -6.99 -23.87
N ASP B 73 -0.15 -5.78 -24.27
CA ASP B 73 -0.62 -5.51 -25.62
C ASP B 73 0.04 -4.22 -26.07
N ASN B 74 1.16 -4.35 -26.77
CA ASN B 74 1.97 -3.21 -27.16
C ASN B 74 1.23 -2.23 -28.08
N SER B 75 0.38 -2.76 -28.95
CA SER B 75 -0.33 -1.93 -29.92
C SER B 75 -1.35 -1.01 -29.26
N SER B 76 -1.95 -1.48 -28.17
CA SER B 76 -2.92 -0.66 -27.43
C SER B 76 -2.27 -0.05 -26.19
N ARG B 77 -0.98 -0.34 -26.01
CA ARG B 77 -0.23 0.18 -24.87
C ARG B 77 -0.93 -0.16 -23.56
N THR B 78 -1.40 -1.40 -23.44
CA THR B 78 -2.15 -1.81 -22.26
C THR B 78 -1.54 -3.04 -21.59
N ALA B 79 -1.36 -2.96 -20.28
CA ALA B 79 -0.90 -4.09 -19.48
C ALA B 79 -2.08 -4.68 -18.72
N TYR B 80 -2.04 -6.00 -18.50
CA TYR B 80 -3.11 -6.70 -17.81
C TYR B 80 -2.55 -7.62 -16.73
N MET B 81 -3.30 -7.73 -15.64
CA MET B 81 -2.99 -8.68 -14.58
C MET B 81 -4.24 -9.51 -14.28
N GLU B 82 -4.15 -10.82 -14.48
CA GLU B 82 -5.27 -11.71 -14.26
C GLU B 82 -5.06 -12.55 -13.01
N LEU B 83 -5.98 -12.44 -12.05
CA LEU B 83 -5.90 -13.21 -10.80
C LEU B 83 -6.99 -14.27 -10.77
N ARG B 84 -6.61 -15.49 -10.37
CA ARG B 84 -7.53 -16.62 -10.41
C ARG B 84 -7.64 -17.33 -9.06
N SER B 85 -8.61 -18.23 -8.95
CA SER B 85 -8.86 -18.98 -7.72
C SER B 85 -8.83 -18.03 -6.51
N LEU B 86 -9.57 -16.93 -6.63
CA LEU B 86 -9.50 -15.84 -5.66
C LEU B 86 -9.99 -16.23 -4.27
N THR B 87 -9.35 -15.65 -3.26
CA THR B 87 -9.75 -15.83 -1.87
C THR B 87 -9.75 -14.45 -1.20
N SER B 88 -10.16 -14.42 0.07
CA SER B 88 -10.23 -13.16 0.81
C SER B 88 -8.85 -12.52 0.96
N GLU B 89 -7.81 -13.35 0.96
CA GLU B 89 -6.43 -12.85 1.09
C GLU B 89 -5.98 -12.09 -0.15
N ASP B 90 -6.70 -12.28 -1.25
CA ASP B 90 -6.37 -11.57 -2.49
C ASP B 90 -6.90 -10.14 -2.46
N SER B 91 -7.82 -9.87 -1.54
CA SER B 91 -8.38 -8.53 -1.38
C SER B 91 -7.28 -7.53 -1.06
N ALA B 92 -7.17 -6.49 -1.88
CA ALA B 92 -6.13 -5.48 -1.70
C ALA B 92 -6.22 -4.43 -2.81
N VAL B 93 -5.32 -3.46 -2.75
CA VAL B 93 -5.18 -2.48 -3.82
C VAL B 93 -3.99 -2.87 -4.67
N TYR B 94 -4.18 -2.89 -5.99
CA TYR B 94 -3.15 -3.29 -6.92
C TYR B 94 -2.78 -2.12 -7.82
N TYR B 95 -1.47 -1.90 -8.00
CA TYR B 95 -0.98 -0.82 -8.83
C TYR B 95 -0.16 -1.37 -9.99
N CYS B 96 -0.15 -0.63 -11.09
CA CYS B 96 0.85 -0.84 -12.13
C CYS B 96 1.87 0.29 -12.00
N VAL B 97 3.11 0.01 -12.36
CA VAL B 97 4.17 1.02 -12.29
C VAL B 97 5.23 0.71 -13.34
N ARG B 98 5.70 1.73 -14.04
CA ARG B 98 6.59 1.52 -15.18
C ARG B 98 8.06 1.53 -14.79
N ARG B 99 8.88 0.86 -15.58
CA ARG B 99 10.32 0.82 -15.37
C ARG B 99 11.06 0.81 -16.69
N GLY B 100 11.79 1.89 -16.98
CA GLY B 100 12.51 2.01 -18.24
C GLY B 100 13.81 1.20 -18.25
N TYR B 101 13.96 0.33 -19.24
CA TYR B 101 15.14 -0.53 -19.32
C TYR B 101 16.18 -0.04 -20.31
N ARG B 102 15.89 1.08 -20.98
CA ARG B 102 16.85 1.71 -21.88
C ARG B 102 17.80 2.59 -21.08
N TYR B 103 18.92 2.97 -21.69
CA TYR B 103 19.95 3.75 -21.01
C TYR B 103 19.40 5.06 -20.45
N ASP B 104 18.37 5.61 -21.10
CA ASP B 104 17.81 6.90 -20.70
C ASP B 104 16.47 6.76 -19.98
N GLY B 105 16.13 5.54 -19.58
CA GLY B 105 14.85 5.29 -18.93
C GLY B 105 14.86 5.60 -17.45
N ALA B 106 13.70 5.97 -16.91
CA ALA B 106 13.54 6.20 -15.48
C ALA B 106 12.91 4.97 -14.84
N HIS B 107 13.19 4.75 -13.56
CA HIS B 107 12.79 3.52 -12.88
C HIS B 107 11.68 3.74 -11.86
N PHE B 108 10.54 3.09 -12.10
CA PHE B 108 9.42 3.11 -11.17
C PHE B 108 9.00 4.53 -10.81
N ASP B 109 9.07 5.42 -11.80
CA ASP B 109 8.82 6.85 -11.58
C ASP B 109 7.34 7.24 -11.70
N TYR B 110 6.54 6.40 -12.35
CA TYR B 110 5.10 6.65 -12.47
C TYR B 110 4.25 5.45 -12.11
N TRP B 111 3.25 5.68 -11.25
CA TRP B 111 2.34 4.63 -10.80
C TRP B 111 0.94 4.88 -11.35
N GLY B 112 0.15 3.82 -11.46
CA GLY B 112 -1.26 3.95 -11.76
C GLY B 112 -2.02 4.35 -10.51
N GLN B 113 -3.26 4.81 -10.67
CA GLN B 113 -4.03 5.30 -9.52
C GLN B 113 -4.43 4.18 -8.57
N GLY B 114 -4.21 2.94 -8.98
CA GLY B 114 -4.53 1.79 -8.16
C GLY B 114 -5.92 1.23 -8.44
N THR B 115 -6.10 -0.05 -8.14
CA THR B 115 -7.37 -0.73 -8.40
C THR B 115 -7.75 -1.61 -7.21
N THR B 116 -8.88 -1.32 -6.59
CA THR B 116 -9.30 -2.03 -5.39
C THR B 116 -10.02 -3.32 -5.74
N LEU B 117 -9.57 -4.43 -5.14
CA LEU B 117 -10.19 -5.73 -5.33
C LEU B 117 -10.68 -6.27 -3.99
N THR B 118 -11.96 -6.66 -3.95
CA THR B 118 -12.54 -7.22 -2.76
C THR B 118 -13.13 -8.61 -3.06
N VAL B 119 -12.61 -9.62 -2.38
CA VAL B 119 -13.08 -10.99 -2.54
C VAL B 119 -13.79 -11.45 -1.28
N SER B 120 -15.05 -11.86 -1.42
CA SER B 120 -15.83 -12.31 -0.28
C SER B 120 -17.14 -12.95 -0.72
N SER B 121 -17.65 -13.88 0.08
CA SER B 121 -18.91 -14.53 -0.20
C SER B 121 -20.01 -13.90 0.66
N ALA B 122 -20.03 -12.58 0.70
CA ALA B 122 -21.02 -11.83 1.46
C ALA B 122 -21.98 -11.10 0.53
N LYS B 123 -23.16 -10.77 1.03
CA LYS B 123 -24.19 -10.12 0.23
C LYS B 123 -24.17 -8.60 0.41
N THR B 124 -24.69 -7.89 -0.58
CA THR B 124 -24.84 -6.45 -0.49
C THR B 124 -25.97 -6.11 0.47
N THR B 125 -25.66 -5.34 1.51
CA THR B 125 -26.66 -4.97 2.50
C THR B 125 -26.50 -3.51 2.92
N ALA B 126 -27.58 -2.75 2.80
CA ALA B 126 -27.57 -1.36 3.22
C ALA B 126 -27.26 -1.29 4.71
N PRO B 127 -26.73 -0.14 5.16
CA PRO B 127 -26.35 -0.01 6.57
C PRO B 127 -27.52 0.37 7.46
N SER B 128 -27.30 0.32 8.77
CA SER B 128 -28.29 0.75 9.75
C SER B 128 -27.72 1.94 10.50
N VAL B 129 -28.38 3.09 10.36
CA VAL B 129 -27.89 4.33 10.95
C VAL B 129 -28.56 4.62 12.29
N TYR B 130 -27.76 4.97 13.28
CA TYR B 130 -28.25 5.25 14.62
C TYR B 130 -27.72 6.59 15.10
N PRO B 131 -28.55 7.35 15.85
CA PRO B 131 -28.08 8.64 16.35
C PRO B 131 -27.29 8.52 17.66
N LEU B 132 -26.39 9.47 17.90
CA LEU B 132 -25.63 9.51 19.14
C LEU B 132 -25.87 10.83 19.86
N ALA B 133 -26.83 10.84 20.78
CA ALA B 133 -27.15 12.03 21.55
C ALA B 133 -26.65 11.92 22.98
N PRO B 134 -26.28 13.05 23.59
CA PRO B 134 -25.76 13.05 24.96
C PRO B 134 -26.82 12.63 25.99
N SER B 143 -19.01 24.01 24.32
CA SER B 143 -19.16 23.24 23.09
C SER B 143 -19.67 21.83 23.39
N VAL B 144 -20.36 21.24 22.41
CA VAL B 144 -20.94 19.92 22.56
C VAL B 144 -20.58 19.03 21.37
N THR B 145 -20.53 17.73 21.61
CA THR B 145 -20.19 16.77 20.56
C THR B 145 -21.35 15.79 20.33
N LEU B 146 -21.56 15.43 19.07
CA LEU B 146 -22.61 14.49 18.69
C LEU B 146 -22.04 13.49 17.69
N GLY B 147 -22.86 12.55 17.22
CA GLY B 147 -22.38 11.56 16.27
C GLY B 147 -23.44 10.62 15.72
N CYS B 148 -22.99 9.69 14.88
CA CYS B 148 -23.86 8.69 14.27
C CYS B 148 -23.09 7.38 14.09
N LEU B 149 -23.76 6.27 14.37
CA LEU B 149 -23.17 4.95 14.17
C LEU B 149 -23.74 4.30 12.91
N VAL B 150 -22.87 3.87 12.02
CA VAL B 150 -23.26 3.16 10.81
C VAL B 150 -22.85 1.69 10.96
N LYS B 151 -23.84 0.81 11.08
CA LYS B 151 -23.60 -0.57 11.47
C LYS B 151 -24.27 -1.59 10.55
N GLY B 152 -23.52 -2.62 10.15
CA GLY B 152 -24.07 -3.73 9.41
C GLY B 152 -24.22 -3.48 7.92
N TYR B 153 -23.09 -3.25 7.25
CA TYR B 153 -23.08 -3.08 5.80
C TYR B 153 -21.80 -3.70 5.24
N PHE B 154 -21.90 -4.37 4.11
CA PHE B 154 -20.77 -5.11 3.55
C PHE B 154 -19.89 -4.29 2.62
N PRO B 155 -20.49 -3.61 1.63
CA PRO B 155 -19.66 -2.81 0.72
C PRO B 155 -18.92 -1.69 1.47
N GLU B 156 -17.61 -1.80 1.53
CA GLU B 156 -16.79 -0.93 2.39
C GLU B 156 -17.14 0.56 2.35
N PRO B 157 -17.32 1.13 1.16
CA PRO B 157 -17.44 2.59 1.08
C PRO B 157 -18.82 3.14 1.50
N VAL B 158 -18.80 4.00 2.52
CA VAL B 158 -19.97 4.82 2.87
C VAL B 158 -19.49 6.26 3.00
N THR B 159 -20.36 7.19 2.65
CA THR B 159 -20.01 8.62 2.71
C THR B 159 -20.80 9.30 3.83
N LEU B 160 -20.09 9.94 4.75
CA LEU B 160 -20.75 10.62 5.86
C LEU B 160 -20.55 12.13 5.79
N THR B 161 -21.67 12.85 5.87
CA THR B 161 -21.62 14.30 6.01
C THR B 161 -22.56 14.71 7.13
N TRP B 162 -22.52 15.97 7.52
CA TRP B 162 -23.41 16.47 8.56
C TRP B 162 -24.28 17.60 8.04
N ASN B 163 -25.59 17.43 8.18
CA ASN B 163 -26.57 18.35 7.62
C ASN B 163 -26.31 18.56 6.13
N SER B 164 -25.98 17.48 5.44
CA SER B 164 -25.79 17.50 3.99
C SER B 164 -24.63 18.41 3.59
N GLY B 165 -23.50 18.28 4.28
CA GLY B 165 -22.29 19.00 3.93
C GLY B 165 -22.20 20.38 4.57
N SER B 166 -23.12 20.69 5.49
CA SER B 166 -23.14 21.98 6.15
C SER B 166 -22.01 22.10 7.16
N LEU B 167 -21.89 21.11 8.05
CA LEU B 167 -20.85 21.12 9.08
C LEU B 167 -19.59 20.44 8.55
N SER B 168 -18.53 21.20 8.42
CA SER B 168 -17.27 20.69 7.88
C SER B 168 -16.21 20.59 8.96
N ALA B 169 -16.07 21.64 9.75
CA ALA B 169 -15.05 21.68 10.80
C ALA B 169 -15.47 20.86 12.03
N GLY B 170 -14.49 20.41 12.79
CA GLY B 170 -14.75 19.65 14.01
C GLY B 170 -15.40 18.31 13.74
N VAL B 171 -15.11 17.72 12.58
CA VAL B 171 -15.69 16.43 12.21
C VAL B 171 -14.64 15.33 12.25
N HIS B 172 -15.05 14.15 12.71
CA HIS B 172 -14.16 13.00 12.75
C HIS B 172 -14.92 11.73 12.36
N THR B 173 -14.65 11.23 11.17
CA THR B 173 -15.25 9.98 10.70
C THR B 173 -14.21 8.86 10.74
N PHE B 174 -14.43 7.89 11.62
CA PHE B 174 -13.44 6.86 11.88
C PHE B 174 -13.54 5.72 10.86
N PRO B 175 -12.38 5.12 10.52
CA PRO B 175 -12.36 3.97 9.62
C PRO B 175 -13.28 2.85 10.08
N ALA B 176 -13.94 2.18 9.13
CA ALA B 176 -14.84 1.09 9.45
C ALA B 176 -14.06 -0.12 9.95
N VAL B 177 -14.75 -1.02 10.63
CA VAL B 177 -14.14 -2.24 11.16
C VAL B 177 -15.00 -3.46 10.83
N LEU B 178 -14.36 -4.49 10.28
CA LEU B 178 -15.07 -5.72 9.93
C LEU B 178 -15.04 -6.69 11.12
N GLN B 179 -16.20 -7.26 11.44
CA GLN B 179 -16.29 -8.23 12.53
C GLN B 179 -16.79 -9.59 12.01
N SER B 180 -17.81 -9.56 11.17
CA SER B 180 -18.39 -10.78 10.63
C SER B 180 -19.04 -10.52 9.27
N ASP B 181 -18.22 -10.36 8.24
CA ASP B 181 -18.70 -10.08 6.90
C ASP B 181 -19.56 -8.82 6.86
N LEU B 182 -19.37 -7.95 7.85
CA LEU B 182 -20.11 -6.68 7.90
C LEU B 182 -19.26 -5.60 8.56
N TYR B 183 -19.37 -4.38 8.05
CA TYR B 183 -18.58 -3.27 8.52
C TYR B 183 -19.35 -2.38 9.48
N THR B 184 -18.62 -1.64 10.31
CA THR B 184 -19.22 -0.70 11.25
C THR B 184 -18.26 0.46 11.51
N LEU B 185 -18.75 1.69 11.31
CA LEU B 185 -17.96 2.87 11.63
C LEU B 185 -18.80 3.86 12.42
N SER B 186 -18.21 5.01 12.73
CA SER B 186 -18.91 6.06 13.46
C SER B 186 -18.33 7.43 13.11
N SER B 187 -19.15 8.46 13.25
CA SER B 187 -18.70 9.83 12.99
C SER B 187 -19.17 10.77 14.09
N SER B 188 -18.39 11.80 14.36
CA SER B 188 -18.75 12.79 15.37
C SER B 188 -18.56 14.20 14.85
N VAL B 189 -19.29 15.15 15.43
CA VAL B 189 -19.15 16.55 15.06
C VAL B 189 -19.19 17.42 16.31
N THR B 190 -18.33 18.42 16.34
CA THR B 190 -18.26 19.33 17.49
C THR B 190 -18.72 20.73 17.09
N VAL B 191 -19.67 21.27 17.85
CA VAL B 191 -20.19 22.60 17.59
C VAL B 191 -20.31 23.38 18.90
N THR B 192 -20.82 24.60 18.81
CA THR B 192 -21.04 25.41 20.01
C THR B 192 -22.29 24.93 20.75
N SER B 193 -22.24 24.99 22.08
CA SER B 193 -23.32 24.46 22.90
C SER B 193 -24.65 25.18 22.66
N SER B 194 -24.59 26.50 22.51
CA SER B 194 -25.80 27.32 22.35
C SER B 194 -26.65 26.89 21.15
N THR B 195 -25.99 26.58 20.05
CA THR B 195 -26.69 26.24 18.81
C THR B 195 -27.49 24.95 18.92
N TRP B 196 -27.11 24.09 19.86
CA TRP B 196 -27.83 22.83 20.06
C TRP B 196 -28.55 22.86 21.40
N PRO B 197 -29.72 22.20 21.50
CA PRO B 197 -30.39 21.41 20.45
C PRO B 197 -31.42 22.20 19.65
N SER B 198 -31.20 23.49 19.46
CA SER B 198 -32.13 24.32 18.71
C SER B 198 -31.90 24.14 17.20
N GLN B 199 -30.74 24.54 16.74
CA GLN B 199 -30.38 24.36 15.33
C GLN B 199 -30.25 22.87 15.01
N THR B 200 -30.82 22.47 13.88
CA THR B 200 -30.95 21.06 13.51
C THR B 200 -29.60 20.39 13.28
N ILE B 201 -29.53 19.11 13.60
CA ILE B 201 -28.34 18.30 13.35
C ILE B 201 -28.75 16.97 12.72
N THR B 202 -28.01 16.54 11.70
CA THR B 202 -28.37 15.33 10.97
C THR B 202 -27.17 14.69 10.30
N CYS B 203 -26.99 13.39 10.53
CA CYS B 203 -25.95 12.63 9.83
C CYS B 203 -26.52 12.06 8.53
N ASN B 204 -25.91 12.45 7.41
CA ASN B 204 -26.24 11.92 6.10
C ASN B 204 -25.29 10.80 5.73
N VAL B 205 -25.85 9.64 5.41
CA VAL B 205 -25.08 8.46 5.06
C VAL B 205 -25.47 7.94 3.69
N ALA B 206 -24.55 8.03 2.73
CA ALA B 206 -24.78 7.55 1.38
C ALA B 206 -24.07 6.22 1.17
N HIS B 207 -24.83 5.20 0.77
CA HIS B 207 -24.28 3.88 0.51
C HIS B 207 -24.46 3.57 -0.98
N PRO B 208 -23.38 3.72 -1.77
CA PRO B 208 -23.47 3.60 -3.23
C PRO B 208 -23.77 2.18 -3.71
N ALA B 209 -23.21 1.19 -3.04
CA ALA B 209 -23.38 -0.20 -3.44
C ALA B 209 -24.86 -0.63 -3.37
N SER B 210 -25.63 0.03 -2.52
CA SER B 210 -27.04 -0.28 -2.36
C SER B 210 -27.92 0.79 -3.00
N SER B 211 -27.31 1.91 -3.36
CA SER B 211 -28.04 3.04 -3.94
C SER B 211 -29.09 3.56 -2.95
N THR B 212 -28.66 3.84 -1.73
CA THR B 212 -29.55 4.39 -0.71
C THR B 212 -28.90 5.55 0.03
N LYS B 213 -29.68 6.59 0.28
CA LYS B 213 -29.21 7.77 0.99
C LYS B 213 -30.07 7.98 2.23
N VAL B 214 -29.57 7.52 3.38
CA VAL B 214 -30.35 7.53 4.62
C VAL B 214 -29.84 8.59 5.58
N ASP B 215 -30.75 9.42 6.08
CA ASP B 215 -30.40 10.48 7.02
C ASP B 215 -31.04 10.22 8.38
N LYS B 216 -30.30 10.54 9.44
CA LYS B 216 -30.84 10.43 10.80
C LYS B 216 -30.51 11.67 11.60
N LYS B 217 -31.46 12.15 12.39
CA LYS B 217 -31.31 13.42 13.09
C LYS B 217 -31.02 13.25 14.57
N ILE B 218 -30.32 14.24 15.15
CA ILE B 218 -29.88 14.15 16.53
C ILE B 218 -30.73 15.02 17.45
N GLU B 219 -31.62 14.39 18.21
CA GLU B 219 -32.42 15.08 19.20
C GLU B 219 -32.18 14.47 20.58
N PRO B 220 -32.15 15.33 21.62
CA PRO B 220 -31.85 14.89 23.00
C PRO B 220 -32.60 13.62 23.40
N ARG B 221 -31.87 12.70 24.05
CA ARG B 221 -32.46 11.45 24.50
C ARG B 221 -33.65 11.70 25.42
N ASP C 1 15.23 -14.32 -0.87
CA ASP C 1 14.69 -12.95 -1.06
C ASP C 1 15.53 -11.93 -0.29
N ILE C 2 15.76 -10.78 -0.89
CA ILE C 2 16.50 -9.71 -0.23
C ILE C 2 15.56 -8.99 0.73
N LYS C 3 15.93 -8.93 2.00
CA LYS C 3 15.12 -8.24 2.99
C LYS C 3 15.49 -6.77 3.08
N MET C 4 14.48 -5.91 2.99
CA MET C 4 14.66 -4.47 3.10
C MET C 4 14.14 -3.99 4.45
N THR C 5 15.01 -3.34 5.21
CA THR C 5 14.67 -2.91 6.56
C THR C 5 14.74 -1.39 6.66
N GLN C 6 13.60 -0.76 6.88
CA GLN C 6 13.56 0.70 6.99
C GLN C 6 13.56 1.14 8.45
N SER C 7 14.33 2.17 8.74
CA SER C 7 14.42 2.71 10.09
C SER C 7 14.31 4.22 10.08
N PRO C 8 13.50 4.78 10.99
CA PRO C 8 12.66 4.07 11.95
C PRO C 8 11.31 3.68 11.33
N SER C 9 10.48 2.95 12.06
CA SER C 9 9.16 2.58 11.59
C SER C 9 8.27 3.82 11.47
N SER C 10 8.40 4.70 12.45
CA SER C 10 7.70 5.97 12.43
C SER C 10 8.52 7.00 13.19
N MET C 11 8.25 8.28 12.94
CA MET C 11 8.97 9.35 13.60
C MET C 11 8.24 10.67 13.46
N TYR C 12 8.60 11.62 14.32
CA TYR C 12 7.98 12.94 14.31
C TYR C 12 9.01 14.00 14.00
N ALA C 13 8.57 15.05 13.32
CA ALA C 13 9.45 16.17 13.01
C ALA C 13 8.66 17.48 12.96
N SER C 14 9.37 18.59 12.91
CA SER C 14 8.75 19.90 12.81
C SER C 14 9.07 20.51 11.46
N LEU C 15 8.19 21.39 10.99
CA LEU C 15 8.41 22.06 9.71
C LEU C 15 9.73 22.80 9.76
N GLY C 16 10.47 22.74 8.66
CA GLY C 16 11.74 23.46 8.56
C GLY C 16 12.95 22.62 8.94
N GLU C 17 12.72 21.47 9.54
CA GLU C 17 13.82 20.62 10.01
C GLU C 17 14.30 19.65 8.93
N ARG C 18 15.56 19.26 9.01
CA ARG C 18 16.07 18.19 8.16
C ARG C 18 15.58 16.86 8.71
N VAL C 19 15.12 15.99 7.83
CA VAL C 19 14.73 14.64 8.22
C VAL C 19 15.50 13.64 7.36
N THR C 20 16.04 12.62 8.01
CA THR C 20 16.72 11.55 7.27
C THR C 20 16.21 10.19 7.73
N ILE C 21 15.80 9.37 6.77
CA ILE C 21 15.34 8.03 7.06
C ILE C 21 16.21 7.06 6.26
N THR C 22 16.28 5.82 6.71
CA THR C 22 17.24 4.88 6.12
C THR C 22 16.61 3.56 5.72
N CYS C 23 17.32 2.86 4.84
CA CYS C 23 16.86 1.61 4.27
C CYS C 23 18.10 0.74 4.06
N LYS C 24 18.07 -0.45 4.65
CA LYS C 24 19.22 -1.35 4.59
C LYS C 24 18.83 -2.68 3.96
N ALA C 25 19.53 -3.06 2.90
CA ALA C 25 19.30 -4.34 2.24
C ALA C 25 20.14 -5.43 2.90
N SER C 26 19.64 -6.66 2.90
CA SER C 26 20.35 -7.77 3.53
C SER C 26 21.58 -8.20 2.74
N GLN C 27 21.70 -7.68 1.51
CA GLN C 27 22.91 -7.84 0.72
C GLN C 27 23.06 -6.61 -0.19
N GLY C 28 24.25 -6.43 -0.74
CA GLY C 28 24.49 -5.30 -1.63
C GLY C 28 23.52 -5.30 -2.80
N ILE C 29 22.96 -4.14 -3.11
CA ILE C 29 22.02 -4.04 -4.23
C ILE C 29 22.47 -3.06 -5.32
N ASN C 30 23.76 -2.71 -5.30
CA ASN C 30 24.37 -1.92 -6.36
CA ASN C 30 24.37 -1.92 -6.36
C ASN C 30 23.54 -0.70 -6.76
N SER C 31 23.03 0.02 -5.76
CA SER C 31 22.27 1.25 -5.97
C SER C 31 20.99 1.13 -6.81
N ASP C 32 20.51 -0.10 -7.02
CA ASP C 32 19.22 -0.30 -7.64
C ASP C 32 18.12 -0.14 -6.58
N LEU C 33 17.86 1.11 -6.20
CA LEU C 33 17.01 1.44 -5.07
C LEU C 33 16.17 2.66 -5.40
N SER C 34 14.87 2.59 -5.14
CA SER C 34 13.98 3.73 -5.32
C SER C 34 13.25 4.06 -4.02
N TRP C 35 12.90 5.34 -3.87
CA TRP C 35 12.13 5.83 -2.73
C TRP C 35 10.77 6.35 -3.20
N PHE C 36 9.75 6.15 -2.38
CA PHE C 36 8.40 6.61 -2.69
C PHE C 36 7.79 7.27 -1.47
N GLN C 37 6.85 8.16 -1.71
CA GLN C 37 6.02 8.72 -0.65
C GLN C 37 4.58 8.35 -0.94
N GLN C 38 3.82 8.01 0.09
CA GLN C 38 2.43 7.62 -0.08
C GLN C 38 1.56 8.21 1.01
N LYS C 39 0.49 8.87 0.61
CA LYS C 39 -0.46 9.44 1.55
C LYS C 39 -1.70 8.56 1.61
N PRO C 40 -2.43 8.63 2.73
CA PRO C 40 -3.60 7.77 2.97
C PRO C 40 -4.55 7.68 1.78
N GLY C 41 -4.85 6.46 1.35
CA GLY C 41 -5.81 6.24 0.28
C GLY C 41 -5.35 6.72 -1.08
N LYS C 42 -4.06 6.99 -1.22
CA LYS C 42 -3.51 7.48 -2.48
C LYS C 42 -2.43 6.55 -3.00
N SER C 43 -2.06 6.72 -4.27
CA SER C 43 -1.03 5.88 -4.88
C SER C 43 0.36 6.41 -4.54
N PRO C 44 1.36 5.54 -4.56
CA PRO C 44 2.74 6.00 -4.30
C PRO C 44 3.19 7.05 -5.30
N LYS C 45 3.98 8.01 -4.83
CA LYS C 45 4.63 8.99 -5.69
C LYS C 45 6.12 8.82 -5.53
N THR C 46 6.82 8.69 -6.66
CA THR C 46 8.24 8.36 -6.64
C THR C 46 9.11 9.59 -6.46
N LEU C 47 10.07 9.49 -5.56
CA LEU C 47 10.98 10.58 -5.25
C LEU C 47 12.34 10.36 -5.89
N ILE C 48 12.84 9.13 -5.79
CA ILE C 48 14.20 8.80 -6.18
C ILE C 48 14.28 7.45 -6.86
N TYR C 49 15.15 7.32 -7.85
CA TYR C 49 15.56 6.01 -8.35
C TYR C 49 17.07 5.98 -8.54
N ARG C 50 17.61 4.77 -8.76
CA ARG C 50 19.05 4.56 -8.79
C ARG C 50 19.74 5.18 -7.57
N ALA C 51 19.06 5.13 -6.43
CA ALA C 51 19.63 5.54 -5.15
C ALA C 51 19.78 7.05 -4.96
N ASN C 52 20.06 7.79 -6.02
CA ASN C 52 20.30 9.24 -5.89
C ASN C 52 19.77 10.11 -7.04
N ARG C 53 19.07 9.51 -7.99
CA ARG C 53 18.52 10.28 -9.10
C ARG C 53 17.15 10.84 -8.74
N LEU C 54 17.05 12.16 -8.69
CA LEU C 54 15.81 12.84 -8.36
C LEU C 54 14.84 12.78 -9.53
N VAL C 55 13.62 12.31 -9.28
CA VAL C 55 12.60 12.20 -10.32
C VAL C 55 12.19 13.59 -10.81
N ASP C 56 12.18 13.76 -12.13
CA ASP C 56 11.83 15.05 -12.73
C ASP C 56 10.51 15.57 -12.16
N GLY C 57 10.53 16.80 -11.65
CA GLY C 57 9.34 17.42 -11.12
C GLY C 57 9.28 17.41 -9.61
N VAL C 58 10.03 16.51 -8.99
CA VAL C 58 10.04 16.40 -7.53
C VAL C 58 10.91 17.49 -6.91
N PRO C 59 10.41 18.14 -5.85
CA PRO C 59 11.13 19.25 -5.22
C PRO C 59 12.57 18.88 -4.85
N SER C 60 13.47 19.85 -4.94
CA SER C 60 14.90 19.59 -4.76
C SER C 60 15.30 19.41 -3.29
N ARG C 61 14.34 19.55 -2.38
CA ARG C 61 14.63 19.34 -0.97
C ARG C 61 14.78 17.84 -0.68
N PHE C 62 14.35 17.00 -1.61
CA PHE C 62 14.55 15.56 -1.51
C PHE C 62 15.84 15.15 -2.19
N SER C 63 16.65 14.37 -1.50
CA SER C 63 17.86 13.80 -2.10
C SER C 63 18.11 12.39 -1.60
N GLY C 64 18.75 11.57 -2.43
CA GLY C 64 19.07 10.22 -2.05
C GLY C 64 20.56 9.98 -2.04
N SER C 65 21.02 9.13 -1.12
CA SER C 65 22.43 8.79 -1.03
C SER C 65 22.59 7.34 -0.60
N GLY C 66 23.81 6.83 -0.65
CA GLY C 66 24.09 5.50 -0.18
C GLY C 66 24.69 4.59 -1.22
N SER C 67 25.03 3.38 -0.79
CA SER C 67 25.67 2.39 -1.65
C SER C 67 25.74 1.06 -0.92
N GLY C 68 26.05 0.01 -1.68
CA GLY C 68 26.10 -1.34 -1.12
C GLY C 68 24.78 -1.72 -0.50
N GLN C 69 24.75 -1.79 0.83
CA GLN C 69 23.58 -2.22 1.56
C GLN C 69 22.79 -1.06 2.16
N ASP C 70 23.42 0.10 2.29
CA ASP C 70 22.85 1.19 3.08
C ASP C 70 22.49 2.42 2.25
N TYR C 71 21.25 2.88 2.44
CA TYR C 71 20.73 4.00 1.67
C TYR C 71 19.94 4.95 2.57
N SER C 72 20.07 6.25 2.30
CA SER C 72 19.38 7.27 3.05
C SER C 72 18.59 8.20 2.14
N LEU C 73 17.41 8.58 2.60
CA LEU C 73 16.63 9.64 1.98
C LEU C 73 16.62 10.83 2.92
N THR C 74 16.89 12.01 2.40
CA THR C 74 16.95 13.23 3.20
C THR C 74 16.09 14.33 2.62
N ILE C 75 15.23 14.88 3.47
CA ILE C 75 14.51 16.11 3.19
C ILE C 75 15.24 17.23 3.90
N SER C 76 15.86 18.12 3.12
CA SER C 76 16.71 19.18 3.67
C SER C 76 15.94 20.08 4.63
N SER C 77 14.72 20.43 4.24
CA SER C 77 13.87 21.30 5.05
C SER C 77 12.41 20.86 4.94
N LEU C 78 11.90 20.28 6.02
CA LEU C 78 10.58 19.66 6.01
C LEU C 78 9.47 20.65 5.70
N GLU C 79 8.53 20.23 4.86
CA GLU C 79 7.35 21.05 4.54
C GLU C 79 6.09 20.26 4.87
N TYR C 80 4.97 20.97 5.00
CA TYR C 80 3.72 20.37 5.44
C TYR C 80 3.27 19.21 4.56
N GLU C 81 3.45 19.33 3.26
CA GLU C 81 2.98 18.31 2.32
C GLU C 81 3.84 17.05 2.35
N ASP C 82 4.87 17.03 3.18
CA ASP C 82 5.80 15.90 3.22
C ASP C 82 5.38 14.81 4.20
N MET C 83 4.30 15.05 4.94
CA MET C 83 3.79 14.04 5.86
C MET C 83 3.25 12.85 5.08
N GLY C 84 3.43 11.65 5.63
CA GLY C 84 2.99 10.43 4.98
C GLY C 84 3.94 9.29 5.28
N ILE C 85 3.84 8.21 4.51
CA ILE C 85 4.68 7.04 4.69
C ILE C 85 5.63 6.88 3.51
N TYR C 86 6.90 6.67 3.82
CA TYR C 86 7.94 6.54 2.80
C TYR C 86 8.40 5.09 2.69
N TYR C 87 8.55 4.62 1.46
CA TYR C 87 8.96 3.23 1.21
C TYR C 87 10.21 3.19 0.34
N CYS C 88 11.04 2.18 0.55
CA CYS C 88 12.15 1.93 -0.35
C CYS C 88 11.92 0.62 -1.08
N LEU C 89 12.52 0.50 -2.25
CA LEU C 89 12.38 -0.69 -3.08
C LEU C 89 13.71 -1.05 -3.70
N GLN C 90 14.10 -2.32 -3.60
CA GLN C 90 15.28 -2.80 -4.32
C GLN C 90 14.84 -3.56 -5.56
N TYR C 91 15.49 -3.28 -6.67
CA TYR C 91 15.23 -4.00 -7.91
C TYR C 91 16.52 -4.53 -8.51
N ASP C 92 17.47 -4.89 -7.65
CA ASP C 92 18.73 -5.46 -8.08
C ASP C 92 18.59 -6.95 -8.36
N GLU C 93 17.58 -7.59 -7.75
CA GLU C 93 17.43 -9.03 -7.86
C GLU C 93 15.97 -9.44 -7.64
N PHE C 94 15.50 -10.42 -8.39
CA PHE C 94 14.15 -10.94 -8.22
C PHE C 94 14.08 -11.86 -7.00
N PRO C 95 12.96 -11.81 -6.26
CA PRO C 95 11.84 -10.89 -6.50
C PRO C 95 12.13 -9.49 -5.97
N LEU C 96 11.58 -8.47 -6.63
CA LEU C 96 11.68 -7.12 -6.09
C LEU C 96 11.08 -7.13 -4.69
N THR C 97 11.69 -6.40 -3.76
CA THR C 97 11.21 -6.35 -2.40
C THR C 97 11.18 -4.91 -1.88
N PHE C 98 10.22 -4.64 -0.99
CA PHE C 98 10.01 -3.32 -0.41
C PHE C 98 10.31 -3.32 1.07
N GLY C 99 10.74 -2.18 1.60
CA GLY C 99 10.82 -1.99 3.03
C GLY C 99 9.41 -1.91 3.61
N ALA C 100 9.28 -1.95 4.93
CA ALA C 100 7.98 -1.92 5.59
C ALA C 100 7.46 -0.49 5.75
N GLY C 101 8.30 0.50 5.46
CA GLY C 101 7.88 1.88 5.46
C GLY C 101 8.29 2.66 6.70
N THR C 102 8.33 3.99 6.55
CA THR C 102 8.61 4.90 7.65
C THR C 102 7.52 5.95 7.68
N LYS C 103 6.66 5.93 8.70
CA LYS C 103 5.61 6.92 8.82
C LYS C 103 6.17 8.23 9.37
N LEU C 104 6.02 9.30 8.61
CA LEU C 104 6.50 10.61 9.04
C LEU C 104 5.32 11.50 9.45
N GLU C 105 5.36 11.97 10.69
CA GLU C 105 4.28 12.78 11.23
C GLU C 105 4.79 14.07 11.87
N LEU C 106 3.86 14.98 12.15
CA LEU C 106 4.22 16.34 12.55
C LEU C 106 4.14 16.53 14.06
N LYS C 107 5.14 17.22 14.62
CA LYS C 107 5.17 17.54 16.04
C LYS C 107 4.20 18.65 16.37
N ARG C 108 3.76 18.69 17.63
CA ARG C 108 2.94 19.79 18.13
C ARG C 108 2.85 19.72 19.65
N ALA C 109 2.37 20.79 20.26
CA ALA C 109 2.22 20.85 21.70
C ALA C 109 1.24 19.78 22.18
N ASP C 110 1.39 19.37 23.44
CA ASP C 110 0.49 18.38 24.01
C ASP C 110 -0.94 18.93 24.08
N ALA C 111 -1.92 18.04 24.00
CA ALA C 111 -3.31 18.44 24.08
C ALA C 111 -4.13 17.31 24.69
N ALA C 112 -4.88 17.63 25.74
CA ALA C 112 -5.73 16.64 26.41
C ALA C 112 -6.87 16.23 25.49
N PRO C 113 -7.30 14.97 25.59
CA PRO C 113 -8.43 14.48 24.80
C PRO C 113 -9.77 14.97 25.31
N THR C 114 -10.66 15.33 24.39
CA THR C 114 -12.03 15.67 24.74
C THR C 114 -12.86 14.39 24.67
N VAL C 115 -13.40 13.98 25.81
CA VAL C 115 -14.09 12.70 25.91
C VAL C 115 -15.60 12.87 25.96
N SER C 116 -16.31 12.07 25.18
CA SER C 116 -17.77 12.10 25.16
C SER C 116 -18.32 10.68 25.02
N ILE C 117 -19.27 10.34 25.88
CA ILE C 117 -19.87 9.01 25.88
C ILE C 117 -21.34 9.07 25.46
N PHE C 118 -21.83 8.01 24.84
CA PHE C 118 -23.15 7.99 24.25
C PHE C 118 -23.81 6.63 24.46
N PRO C 119 -24.98 6.62 25.13
CA PRO C 119 -25.74 5.38 25.30
C PRO C 119 -26.33 4.87 23.98
N PRO C 120 -26.61 3.57 23.90
CA PRO C 120 -27.22 2.99 22.69
C PRO C 120 -28.50 3.72 22.30
N SER C 121 -28.78 3.75 21.00
CA SER C 121 -29.97 4.43 20.49
C SER C 121 -31.22 3.59 20.76
N SER C 122 -32.35 4.27 20.92
CA SER C 122 -33.62 3.58 21.06
C SER C 122 -33.93 2.81 19.77
N GLU C 123 -33.47 3.34 18.65
CA GLU C 123 -33.67 2.70 17.35
C GLU C 123 -32.93 1.37 17.30
N GLN C 124 -31.73 1.34 17.88
CA GLN C 124 -30.90 0.14 17.87
C GLN C 124 -31.39 -0.90 18.87
N LEU C 125 -31.96 -0.43 19.98
CA LEU C 125 -32.41 -1.34 21.03
C LEU C 125 -33.66 -2.12 20.61
N THR C 126 -34.43 -1.58 19.67
CA THR C 126 -35.59 -2.30 19.16
C THR C 126 -35.12 -3.62 18.55
N SER C 127 -33.98 -3.59 17.88
CA SER C 127 -33.33 -4.82 17.43
C SER C 127 -32.54 -5.41 18.58
N GLY C 128 -32.09 -6.65 18.42
CA GLY C 128 -31.43 -7.36 19.51
C GLY C 128 -29.97 -6.99 19.67
N GLY C 129 -29.68 -5.71 19.84
CA GLY C 129 -28.31 -5.24 20.02
C GLY C 129 -28.23 -3.92 20.75
N ALA C 130 -27.04 -3.59 21.23
CA ALA C 130 -26.82 -2.33 21.94
C ALA C 130 -25.34 -1.96 21.95
N SER C 131 -25.02 -0.81 21.35
CA SER C 131 -23.64 -0.35 21.29
C SER C 131 -23.49 0.97 22.05
N VAL C 132 -22.44 1.05 22.86
CA VAL C 132 -22.11 2.26 23.60
C VAL C 132 -20.88 2.88 22.96
N VAL C 133 -20.95 4.18 22.67
CA VAL C 133 -19.85 4.84 21.95
C VAL C 133 -19.19 5.92 22.78
N CYS C 134 -17.86 5.99 22.68
CA CYS C 134 -17.08 6.99 23.39
C CYS C 134 -16.01 7.57 22.46
N PHE C 135 -16.13 8.86 22.17
CA PHE C 135 -15.13 9.53 21.35
C PHE C 135 -14.08 10.19 22.24
N LEU C 136 -12.83 10.03 21.85
CA LEU C 136 -11.72 10.69 22.51
C LEU C 136 -10.95 11.47 21.45
N ASN C 137 -11.34 12.73 21.27
CA ASN C 137 -10.91 13.49 20.11
C ASN C 137 -9.85 14.54 20.40
N ASN C 138 -9.02 14.80 19.39
CA ASN C 138 -8.06 15.89 19.41
C ASN C 138 -7.12 15.85 20.62
N PHE C 139 -6.30 14.82 20.69
CA PHE C 139 -5.29 14.73 21.75
C PHE C 139 -3.91 14.50 21.16
N TYR C 140 -2.88 14.78 21.96
CA TYR C 140 -1.50 14.63 21.50
C TYR C 140 -0.57 14.62 22.71
N PRO C 141 0.40 13.70 22.74
CA PRO C 141 0.71 12.69 21.72
C PRO C 141 -0.33 11.58 21.62
N LYS C 142 -0.09 10.58 20.77
CA LYS C 142 -1.10 9.57 20.47
C LYS C 142 -1.16 8.46 21.52
N ASP C 143 -0.16 8.38 22.39
CA ASP C 143 -0.19 7.42 23.48
C ASP C 143 -1.37 7.73 24.39
N ILE C 144 -2.25 6.74 24.61
CA ILE C 144 -3.45 6.96 25.40
C ILE C 144 -4.00 5.65 25.98
N ASN C 145 -4.59 5.74 27.16
CA ASN C 145 -5.15 4.59 27.84
C ASN C 145 -6.67 4.70 27.93
N VAL C 146 -7.39 3.70 27.41
CA VAL C 146 -8.85 3.74 27.42
C VAL C 146 -9.43 2.48 28.07
N LYS C 147 -10.29 2.68 29.06
CA LYS C 147 -10.92 1.57 29.75
C LYS C 147 -12.39 1.84 30.04
N TRP C 148 -13.23 0.84 29.77
CA TRP C 148 -14.66 0.93 30.07
C TRP C 148 -14.95 0.32 31.43
N LYS C 149 -15.96 0.85 32.11
CA LYS C 149 -16.42 0.28 33.38
C LYS C 149 -17.94 0.21 33.39
N ILE C 150 -18.47 -0.96 33.74
CA ILE C 150 -19.91 -1.15 33.88
C ILE C 150 -20.23 -1.42 35.35
N ASP C 151 -20.91 -0.46 35.98
CA ASP C 151 -21.21 -0.55 37.40
C ASP C 151 -19.93 -0.75 38.22
N GLY C 152 -18.82 -0.24 37.71
CA GLY C 152 -17.56 -0.30 38.43
C GLY C 152 -16.65 -1.43 37.95
N SER C 153 -17.22 -2.44 37.31
CA SER C 153 -16.44 -3.59 36.85
C SER C 153 -15.82 -3.33 35.48
N GLU C 154 -14.50 -3.29 35.42
CA GLU C 154 -13.79 -3.04 34.17
C GLU C 154 -14.17 -4.08 33.13
N ARG C 155 -14.60 -3.61 31.96
CA ARG C 155 -15.03 -4.48 30.88
C ARG C 155 -14.11 -4.34 29.68
N GLN C 156 -13.54 -5.47 29.24
CA GLN C 156 -12.61 -5.46 28.11
C GLN C 156 -13.23 -6.09 26.86
N ASN C 157 -13.87 -7.24 27.04
CA ASN C 157 -14.47 -7.95 25.91
C ASN C 157 -15.64 -7.18 25.29
N GLY C 158 -15.74 -7.25 23.97
CA GLY C 158 -16.82 -6.59 23.25
C GLY C 158 -16.48 -5.17 22.84
N VAL C 159 -15.22 -4.79 23.00
CA VAL C 159 -14.78 -3.45 22.65
C VAL C 159 -13.95 -3.45 21.37
N LEU C 160 -14.33 -2.58 20.43
CA LEU C 160 -13.61 -2.43 19.17
C LEU C 160 -13.28 -0.96 18.95
N ASN C 161 -12.04 -0.67 18.56
CA ASN C 161 -11.59 0.70 18.42
C ASN C 161 -11.22 1.05 16.98
N SER C 162 -11.20 2.35 16.70
CA SER C 162 -10.81 2.85 15.39
C SER C 162 -10.05 4.15 15.56
N TRP C 163 -9.04 4.36 14.72
CA TRP C 163 -8.22 5.57 14.80
C TRP C 163 -8.27 6.38 13.52
N THR C 164 -8.22 7.70 13.66
CA THR C 164 -8.05 8.58 12.52
C THR C 164 -6.56 8.85 12.35
N ASP C 165 -6.16 9.26 11.14
CA ASP C 165 -4.80 9.69 10.92
C ASP C 165 -4.63 11.07 11.54
N GLN C 166 -3.39 11.54 11.62
CA GLN C 166 -3.12 12.86 12.20
C GLN C 166 -3.99 13.90 11.52
N ASP C 167 -4.93 14.47 12.27
CA ASP C 167 -5.87 15.45 11.74
C ASP C 167 -5.14 16.49 10.90
N SER C 168 -5.68 16.78 9.72
CA SER C 168 -5.01 17.66 8.77
C SER C 168 -5.03 19.13 9.20
N LYS C 169 -5.81 19.43 10.23
CA LYS C 169 -5.92 20.81 10.71
C LYS C 169 -4.98 21.10 11.88
N ASP C 170 -5.27 20.52 13.03
CA ASP C 170 -4.51 20.82 14.25
C ASP C 170 -3.46 19.74 14.58
N SER C 171 -3.26 18.80 13.66
CA SER C 171 -2.23 17.78 13.83
C SER C 171 -2.43 16.93 15.09
N THR C 172 -3.67 16.72 15.48
CA THR C 172 -3.98 15.88 16.64
C THR C 172 -4.52 14.53 16.20
N TYR C 173 -4.74 13.65 17.17
CA TYR C 173 -5.33 12.35 16.89
C TYR C 173 -6.68 12.22 17.56
N SER C 174 -7.52 11.34 17.03
CA SER C 174 -8.82 11.06 17.61
C SER C 174 -9.08 9.56 17.58
N MET C 175 -9.93 9.09 18.49
CA MET C 175 -10.18 7.66 18.63
C MET C 175 -11.62 7.38 18.98
N SER C 176 -12.21 6.42 18.26
CA SER C 176 -13.54 5.92 18.56
C SER C 176 -13.46 4.59 19.27
N SER C 177 -14.15 4.47 20.40
CA SER C 177 -14.23 3.21 21.13
C SER C 177 -15.68 2.77 21.22
N THR C 178 -15.97 1.55 20.81
CA THR C 178 -17.34 1.06 20.74
C THR C 178 -17.51 -0.26 21.48
N LEU C 179 -18.22 -0.20 22.60
CA LEU C 179 -18.54 -1.40 23.37
C LEU C 179 -19.86 -1.99 22.91
N THR C 180 -19.78 -3.00 22.05
CA THR C 180 -20.98 -3.67 21.56
C THR C 180 -21.48 -4.65 22.61
N LEU C 181 -22.80 -4.82 22.69
CA LEU C 181 -23.39 -5.65 23.73
C LEU C 181 -24.83 -6.03 23.39
N THR C 182 -25.28 -7.17 23.89
CA THR C 182 -26.66 -7.62 23.67
C THR C 182 -27.63 -6.77 24.48
N LYS C 183 -28.85 -6.62 23.98
CA LYS C 183 -29.86 -5.84 24.68
C LYS C 183 -30.04 -6.35 26.11
N ASP C 184 -30.43 -7.62 26.23
CA ASP C 184 -30.65 -8.24 27.53
C ASP C 184 -29.56 -7.88 28.53
N GLU C 185 -28.33 -8.32 28.25
CA GLU C 185 -27.22 -8.13 29.18
C GLU C 185 -26.85 -6.65 29.34
N TYR C 186 -27.29 -5.82 28.41
CA TYR C 186 -27.12 -4.37 28.55
C TYR C 186 -28.11 -3.81 29.56
N GLU C 187 -29.30 -4.39 29.60
CA GLU C 187 -30.35 -3.90 30.49
C GLU C 187 -30.28 -4.57 31.86
N ARG C 188 -29.08 -5.00 32.25
CA ARG C 188 -28.86 -5.53 33.59
C ARG C 188 -27.97 -4.59 34.40
N HIS C 189 -27.40 -3.59 33.73
CA HIS C 189 -26.49 -2.65 34.39
C HIS C 189 -26.99 -1.22 34.24
N ASN C 190 -26.54 -0.35 35.15
CA ASN C 190 -27.00 1.03 35.18
C ASN C 190 -25.94 2.02 34.73
N SER C 191 -24.80 2.00 35.41
CA SER C 191 -23.75 2.97 35.16
C SER C 191 -22.78 2.49 34.09
N TYR C 192 -22.60 3.31 33.06
CA TYR C 192 -21.64 3.04 31.99
C TYR C 192 -20.62 4.16 31.92
N THR C 193 -19.35 3.79 31.93
CA THR C 193 -18.26 4.75 32.01
C THR C 193 -17.17 4.52 30.97
N CYS C 194 -16.79 5.59 30.29
CA CYS C 194 -15.60 5.60 29.45
C CYS C 194 -14.54 6.47 30.11
N GLU C 195 -13.39 5.87 30.41
CA GLU C 195 -12.33 6.57 31.13
C GLU C 195 -11.04 6.63 30.32
N ALA C 196 -10.37 7.77 30.36
CA ALA C 196 -9.15 7.98 29.59
C ALA C 196 -8.03 8.53 30.47
N THR C 197 -6.84 7.97 30.32
CA THR C 197 -5.65 8.50 30.99
C THR C 197 -4.65 8.93 29.91
N HIS C 198 -4.12 10.14 30.08
CA HIS C 198 -3.25 10.75 29.09
C HIS C 198 -2.12 11.48 29.81
N LYS C 199 -1.00 11.68 29.14
CA LYS C 199 0.17 12.29 29.78
C LYS C 199 -0.12 13.72 30.21
N THR C 200 -1.14 14.34 29.61
CA THR C 200 -1.48 15.72 29.91
C THR C 200 -1.99 15.91 31.34
N SER C 201 -2.32 14.81 32.01
CA SER C 201 -2.77 14.89 33.40
C SER C 201 -2.70 13.54 34.10
N THR C 202 -2.30 13.56 35.37
CA THR C 202 -2.26 12.36 36.19
C THR C 202 -3.68 11.90 36.51
N SER C 203 -4.62 12.85 36.53
CA SER C 203 -6.02 12.54 36.76
C SER C 203 -6.67 12.10 35.46
N PRO C 204 -7.32 10.92 35.46
CA PRO C 204 -7.97 10.40 34.26
C PRO C 204 -9.31 11.10 33.99
N ILE C 205 -9.62 11.35 32.73
CA ILE C 205 -10.89 11.95 32.36
C ILE C 205 -11.98 10.89 32.40
N VAL C 206 -13.04 11.16 33.15
CA VAL C 206 -14.09 10.18 33.37
C VAL C 206 -15.45 10.68 32.90
N LYS C 207 -15.98 10.06 31.86
CA LYS C 207 -17.32 10.36 31.37
C LYS C 207 -18.22 9.17 31.63
N SER C 208 -19.45 9.43 32.08
CA SER C 208 -20.38 8.34 32.39
C SER C 208 -21.82 8.75 32.18
N PHE C 209 -22.71 7.76 32.15
CA PHE C 209 -24.14 8.02 32.11
C PHE C 209 -24.89 6.91 32.86
N ASN C 210 -26.11 7.21 33.28
CA ASN C 210 -26.92 6.23 33.99
C ASN C 210 -28.20 5.89 33.23
N ARG C 211 -28.40 4.60 32.99
CA ARG C 211 -29.60 4.12 32.31
C ARG C 211 -30.80 4.18 33.25
N ASN C 212 -31.38 5.37 33.41
CA ASN C 212 -32.51 5.56 34.30
C ASN C 212 -33.48 6.63 33.80
NA NA D . 23.15 -20.75 -24.74
NA NA E . 24.69 -21.58 -32.01
NA NA F . 22.82 -2.25 -26.13
NA NA G . -0.78 0.35 3.85
CL CL H . -3.10 0.59 2.86
NA NA I . 0.74 -7.79 0.36
NA NA J . -9.38 1.53 -10.19
C1 PEG K . 17.97 1.37 -17.58
O1 PEG K . 17.86 2.69 -17.22
C2 PEG K . 19.31 0.85 -17.20
O2 PEG K . 19.42 0.76 -15.83
C3 PEG K . 20.35 -0.11 -15.30
C4 PEG K . 19.70 -1.42 -14.98
O4 PEG K . 19.15 -1.35 -13.72
H11 PEG K . 17.85 1.29 -18.54
H12 PEG K . 17.28 0.85 -17.12
HO1 PEG K . 17.21 3.08 -17.67
H21 PEG K . 20.00 1.44 -17.55
H22 PEG K . 19.42 -0.04 -17.58
H31 PEG K . 20.72 0.27 -14.50
H32 PEG K . 21.07 -0.24 -15.95
H41 PEG K . 20.37 -2.12 -15.02
H42 PEG K . 19.00 -1.60 -15.63
HO4 PEG K . 19.79 -1.22 -13.12
C1 GOL L . 16.61 15.78 14.61
O1 GOL L . 16.27 17.04 15.14
C2 GOL L . 16.44 15.78 13.10
O2 GOL L . 16.61 17.07 12.59
C3 GOL L . 15.05 15.27 12.76
O3 GOL L . 14.98 13.88 13.01
H11 GOL L . 15.98 15.01 15.06
H12 GOL L . 17.65 15.55 14.86
HO1 GOL L . 16.66 17.14 16.03
H2 GOL L . 17.17 15.10 12.66
HO2 GOL L . 15.95 17.68 13.00
H31 GOL L . 14.81 15.47 11.72
H32 GOL L . 14.31 15.79 13.38
HO3 GOL L . 14.05 13.57 12.87
C1 GOL M . 4.22 9.43 -26.97
O1 GOL M . 5.55 9.00 -26.82
C2 GOL M . 3.27 8.29 -26.65
O2 GOL M . 3.50 7.21 -27.52
C3 GOL M . 1.83 8.76 -26.77
O3 GOL M . 0.96 7.82 -26.16
H11 GOL M . 4.05 9.77 -27.99
H12 GOL M . 4.03 10.27 -26.30
HO1 GOL M . 6.15 9.79 -26.78
H2 GOL M . 3.45 7.97 -25.61
HO2 GOL M . 3.36 7.50 -28.44
H31 GOL M . 1.56 8.87 -27.82
H32 GOL M . 1.72 9.73 -26.29
HO3 GOL M . 0.04 8.17 -26.19
CL CL N . 3.51 15.93 -1.70
CL CL O . -3.18 3.87 2.12
NA NA P . 27.05 0.19 4.26
NA NA Q . 18.19 18.56 -1.34
C1 GOL R . 11.92 0.27 13.58
O1 GOL R . 12.36 1.36 14.36
C2 GOL R . 13.12 -0.59 13.17
O2 GOL R . 14.23 0.22 12.89
C3 GOL R . 12.75 -1.44 11.96
O3 GOL R . 13.09 -2.78 12.18
H11 GOL R . 11.42 0.65 12.68
H12 GOL R . 11.21 -0.33 14.14
HO1 GOL R . 11.70 1.53 15.06
H2 GOL R . 13.35 -1.27 14.00
HO2 GOL R . 14.01 0.83 12.15
H31 GOL R . 13.29 -1.07 11.08
H32 GOL R . 11.69 -1.36 11.76
HO3 GOL R . 12.80 -3.34 11.42
#